data_6DKU
#
_entry.id   6DKU
#
_cell.length_a   78.126
_cell.length_b   78.126
_cell.length_c   43.471
_cell.angle_alpha   90.000
_cell.angle_beta   90.000
_cell.angle_gamma   120.000
#
_symmetry.space_group_name_H-M   'P 32 2 1'
#
loop_
_entity.id
_entity.type
_entity.pdbx_description
1 polymer VP35
2 water water
#
_entity_poly.entity_id   1
_entity_poly.type   'polypeptide(L)'
_entity_poly.pdbx_seq_one_letter_code
;GHMRLPLDPTEFVRVLTGYLTGPRTAFHELVSAIAMVSRDSHDLQVAMDHFNRELMDGFSAHAAIISITQRCEYFRNCEA
PTTQVTSKSQIPRAYHRRLRDVPEGPKTLGRGWVYIYLTPEGSLGLKI
;
_entity_poly.pdbx_strand_id   A
#
# COMPACT_ATOMS: atom_id res chain seq x y z
N ARG A 4 4.78 3.21 26.67
CA ARG A 4 4.84 2.45 25.43
C ARG A 4 5.28 3.34 24.26
N LEU A 5 5.60 2.70 23.13
CA LEU A 5 6.15 3.39 21.97
C LEU A 5 5.11 3.49 20.87
N PRO A 6 4.74 4.69 20.42
CA PRO A 6 3.82 4.80 19.28
C PRO A 6 4.43 4.23 18.01
N LEU A 7 3.59 4.01 17.01
CA LEU A 7 4.05 3.34 15.81
C LEU A 7 4.89 4.25 14.93
N ASP A 8 5.80 3.64 14.20
CA ASP A 8 6.52 4.25 13.09
C ASP A 8 6.32 3.37 11.88
N PRO A 9 6.53 3.89 10.67
CA PRO A 9 6.25 3.09 9.45
C PRO A 9 6.85 1.70 9.45
N THR A 10 8.10 1.54 9.88
CA THR A 10 8.78 0.26 9.79
C THR A 10 8.07 -0.81 10.61
N GLU A 11 7.77 -0.52 11.88
CA GLU A 11 7.07 -1.48 12.71
C GLU A 11 5.67 -1.78 12.16
N PHE A 12 4.97 -0.76 11.65
CA PHE A 12 3.68 -0.97 10.98
C PHE A 12 3.81 -2.01 9.87
N VAL A 13 4.79 -1.82 8.98
CA VAL A 13 5.00 -2.74 7.88
C VAL A 13 5.33 -4.14 8.39
N ARG A 14 6.15 -4.24 9.44
CA ARG A 14 6.55 -5.56 9.95
C ARG A 14 5.35 -6.30 10.53
N VAL A 15 4.55 -5.61 11.34
CA VAL A 15 3.37 -6.24 11.96
C VAL A 15 2.41 -6.72 10.88
N LEU A 16 2.00 -5.80 9.99
CA LEU A 16 0.97 -6.20 9.03
C LEU A 16 1.49 -7.26 8.06
N THR A 17 2.72 -7.11 7.57
CA THR A 17 3.20 -8.12 6.63
C THR A 17 3.50 -9.44 7.30
N GLY A 18 3.61 -9.47 8.64
CA GLY A 18 3.67 -10.75 9.34
C GLY A 18 2.49 -11.66 9.02
N TYR A 19 1.31 -11.10 8.76
CA TYR A 19 0.14 -11.92 8.47
C TYR A 19 0.12 -12.43 7.04
N LEU A 20 0.98 -11.93 6.18
CA LEU A 20 1.06 -12.44 4.82
C LEU A 20 2.06 -13.59 4.75
N THR A 21 1.91 -14.42 3.73
CA THR A 21 2.91 -15.44 3.45
C THR A 21 3.23 -15.44 1.96
N GLY A 22 3.85 -16.51 1.48
CA GLY A 22 4.16 -16.65 0.08
C GLY A 22 5.18 -15.63 -0.40
N PRO A 23 5.40 -15.58 -1.72
CA PRO A 23 6.31 -14.59 -2.27
C PRO A 23 5.76 -13.19 -2.08
N ARG A 24 6.65 -12.20 -2.18
CA ARG A 24 6.24 -10.82 -2.02
C ARG A 24 5.33 -10.42 -3.18
N THR A 25 4.16 -9.87 -2.86
CA THR A 25 3.21 -9.44 -3.88
C THR A 25 2.73 -8.03 -3.64
N ALA A 26 1.74 -7.58 -4.42
CA ALA A 26 1.24 -6.23 -4.25
C ALA A 26 0.57 -5.99 -2.91
N PHE A 27 0.26 -7.04 -2.13
CA PHE A 27 -0.31 -6.79 -0.81
C PHE A 27 0.75 -6.25 0.13
N HIS A 28 1.94 -6.85 0.11
CA HIS A 28 3.08 -6.30 0.85
C HIS A 28 3.32 -4.85 0.47
N GLU A 29 3.29 -4.57 -0.83
CA GLU A 29 3.47 -3.20 -1.31
C GLU A 29 2.35 -2.30 -0.84
N LEU A 30 1.11 -2.80 -0.74
CA LEU A 30 0.03 -1.97 -0.25
C LEU A 30 0.25 -1.61 1.21
N VAL A 31 0.71 -2.58 2.01
CA VAL A 31 1.08 -2.29 3.40
C VAL A 31 2.14 -1.18 3.43
N SER A 32 3.18 -1.34 2.61
CA SER A 32 4.25 -0.36 2.57
C SER A 32 3.74 1.02 2.12
N ALA A 33 2.78 1.04 1.19
CA ALA A 33 2.25 2.32 0.71
C ALA A 33 1.44 3.01 1.80
N ILE A 34 0.59 2.25 2.48
CA ILE A 34 -0.16 2.78 3.62
C ILE A 34 0.79 3.38 4.63
N ALA A 35 1.89 2.69 4.94
CA ALA A 35 2.85 3.24 5.90
C ALA A 35 3.52 4.49 5.37
N MET A 36 3.90 4.49 4.10
CA MET A 36 4.60 5.64 3.52
C MET A 36 3.72 6.87 3.52
N VAL A 37 2.41 6.69 3.32
CA VAL A 37 1.53 7.83 3.02
C VAL A 37 0.93 8.47 4.27
N SER A 38 1.06 7.83 5.43
CA SER A 38 0.61 8.38 6.70
C SER A 38 1.45 9.59 7.11
N ARG A 39 0.82 10.48 7.89
CA ARG A 39 1.45 11.75 8.26
C ARG A 39 2.14 11.71 9.62
N ASP A 40 1.77 10.77 10.48
CA ASP A 40 2.35 10.62 11.81
C ASP A 40 1.88 9.29 12.38
N SER A 41 2.18 9.05 13.66
CA SER A 41 1.84 7.78 14.30
C SER A 41 0.34 7.58 14.43
N HIS A 42 -0.43 8.67 14.51
CA HIS A 42 -1.87 8.55 14.65
C HIS A 42 -2.51 7.84 13.46
N ASP A 43 -2.12 8.23 12.23
CA ASP A 43 -2.66 7.56 11.06
C ASP A 43 -2.30 6.08 11.05
N LEU A 44 -1.05 5.75 11.40
CA LEU A 44 -0.66 4.36 11.48
C LEU A 44 -1.50 3.58 12.49
N GLN A 45 -1.85 4.18 13.63
CA GLN A 45 -2.63 3.40 14.57
C GLN A 45 -4.12 3.38 14.20
N VAL A 46 -4.58 4.34 13.40
CA VAL A 46 -5.89 4.21 12.79
C VAL A 46 -5.91 2.99 11.86
N ALA A 47 -4.95 2.94 10.93
CA ALA A 47 -4.88 1.83 10.00
C ALA A 47 -4.73 0.50 10.74
N MET A 48 -3.92 0.48 11.79
CA MET A 48 -3.68 -0.75 12.53
C MET A 48 -4.91 -1.18 13.30
N ASP A 49 -5.57 -0.24 13.97
CA ASP A 49 -6.79 -0.56 14.69
C ASP A 49 -7.85 -1.13 13.74
N HIS A 50 -7.97 -0.55 12.55
CA HIS A 50 -8.93 -1.05 11.57
C HIS A 50 -8.56 -2.45 11.10
N PHE A 51 -7.27 -2.66 10.81
CA PHE A 51 -6.78 -3.99 10.42
C PHE A 51 -7.13 -5.03 11.47
N ASN A 52 -6.81 -4.75 12.73
CA ASN A 52 -7.12 -5.70 13.80
C ASN A 52 -8.63 -5.88 13.97
N ARG A 53 -9.41 -4.82 13.73
CA ARG A 53 -10.87 -4.96 13.75
C ARG A 53 -11.31 -5.97 12.70
N GLU A 54 -10.80 -5.84 11.48
CA GLU A 54 -11.25 -6.71 10.40
C GLU A 54 -10.81 -8.15 10.63
N LEU A 55 -9.59 -8.36 11.13
CA LEU A 55 -9.21 -9.71 11.52
C LEU A 55 -10.10 -10.25 12.63
N MET A 56 -10.45 -9.41 13.61
CA MET A 56 -11.37 -9.83 14.65
C MET A 56 -12.70 -10.26 14.06
N ASP A 57 -13.16 -9.56 13.04
CA ASP A 57 -14.40 -9.92 12.36
C ASP A 57 -14.24 -11.16 11.49
N GLY A 58 -13.03 -11.67 11.32
CA GLY A 58 -12.81 -12.89 10.58
C GLY A 58 -12.35 -12.71 9.16
N PHE A 59 -12.11 -11.48 8.74
CA PHE A 59 -11.55 -11.23 7.42
C PHE A 59 -10.10 -11.70 7.39
N SER A 60 -9.64 -12.06 6.19
CA SER A 60 -8.25 -12.43 6.01
C SER A 60 -7.38 -11.18 6.02
N ALA A 61 -6.08 -11.40 6.20
CA ALA A 61 -5.13 -10.28 6.15
C ALA A 61 -5.27 -9.50 4.85
N HIS A 62 -5.40 -10.20 3.72
CA HIS A 62 -5.52 -9.52 2.42
C HIS A 62 -6.74 -8.62 2.39
N ALA A 63 -7.90 -9.18 2.76
CA ALA A 63 -9.13 -8.39 2.79
C ALA A 63 -8.97 -7.19 3.72
N ALA A 64 -8.41 -7.41 4.91
CA ALA A 64 -8.27 -6.32 5.87
C ALA A 64 -7.42 -5.20 5.30
N ILE A 65 -6.28 -5.55 4.69
CA ILE A 65 -5.40 -4.55 4.09
C ILE A 65 -6.15 -3.73 3.05
N ILE A 66 -6.89 -4.39 2.14
CA ILE A 66 -7.69 -3.63 1.17
C ILE A 66 -8.74 -2.79 1.89
N SER A 67 -9.24 -3.30 3.02
CA SER A 67 -10.32 -2.65 3.75
C SER A 67 -9.84 -1.33 4.34
N ILE A 68 -8.55 -1.21 4.65
CA ILE A 68 -8.04 0.09 5.10
C ILE A 68 -8.17 1.13 3.99
N THR A 69 -7.77 0.75 2.77
CA THR A 69 -7.92 1.67 1.64
C THR A 69 -9.38 2.01 1.37
N GLN A 70 -10.30 1.13 1.77
CA GLN A 70 -11.70 1.42 1.47
C GLN A 70 -12.43 2.18 2.58
N ARG A 71 -12.20 1.83 3.84
CA ARG A 71 -13.03 2.30 4.95
C ARG A 71 -12.38 3.40 5.80
N CYS A 72 -11.06 3.41 5.93
CA CYS A 72 -10.39 4.48 6.66
C CYS A 72 -10.31 5.71 5.77
N GLU A 73 -10.95 6.79 6.22
CA GLU A 73 -11.25 7.90 5.31
C GLU A 73 -10.00 8.62 4.83
N TYR A 74 -8.97 8.74 5.67
CA TYR A 74 -7.75 9.41 5.23
C TYR A 74 -7.07 8.64 4.10
N PHE A 75 -6.67 7.39 4.37
CA PHE A 75 -6.01 6.58 3.36
C PHE A 75 -6.88 6.40 2.12
N ARG A 76 -8.20 6.39 2.31
CA ARG A 76 -9.10 6.26 1.17
C ARG A 76 -8.84 7.35 0.14
N ASN A 77 -8.73 8.60 0.59
CA ASN A 77 -8.57 9.75 -0.30
C ASN A 77 -7.11 10.12 -0.55
N CYS A 78 -6.19 9.19 -0.41
CA CYS A 78 -4.78 9.54 -0.41
C CYS A 78 -4.18 9.22 -1.76
N GLU A 79 -3.34 10.14 -2.25
CA GLU A 79 -2.56 9.89 -3.44
C GLU A 79 -1.65 8.70 -3.23
N ALA A 80 -1.62 7.80 -4.20
CA ALA A 80 -0.71 6.67 -4.14
C ALA A 80 0.73 7.19 -4.08
N PRO A 81 1.60 6.56 -3.29
CA PRO A 81 2.97 7.04 -3.20
C PRO A 81 3.78 6.74 -4.46
N THR A 82 4.78 7.56 -4.69
CA THR A 82 5.68 7.39 -5.83
C THR A 82 6.98 6.73 -5.38
N THR A 83 7.42 5.74 -6.15
CA THR A 83 8.72 5.11 -6.01
C THR A 83 9.52 5.40 -7.27
N GLN A 84 10.82 5.66 -7.11
CA GLN A 84 11.69 5.94 -8.23
C GLN A 84 12.58 4.72 -8.48
N VAL A 85 12.73 4.34 -9.76
CA VAL A 85 13.58 3.23 -10.14
C VAL A 85 14.43 3.64 -11.34
N THR A 86 15.67 3.15 -11.38
CA THR A 86 16.59 3.49 -12.45
C THR A 86 16.07 3.02 -13.81
N SER A 87 15.25 1.97 -13.82
CA SER A 87 14.70 1.38 -15.03
C SER A 87 13.48 0.55 -14.66
N LYS A 88 12.76 0.12 -15.70
CA LYS A 88 11.65 -0.81 -15.48
C LYS A 88 12.15 -2.15 -14.93
N SER A 89 13.41 -2.48 -15.21
CA SER A 89 13.95 -3.77 -14.82
C SER A 89 14.05 -3.94 -13.31
N GLN A 90 14.20 -2.85 -12.55
CA GLN A 90 14.27 -2.98 -11.09
C GLN A 90 12.90 -3.06 -10.43
N ILE A 91 11.83 -2.94 -11.20
CA ILE A 91 10.49 -3.24 -10.69
C ILE A 91 10.36 -4.76 -10.65
N PRO A 92 9.89 -5.34 -9.54
CA PRO A 92 9.71 -6.79 -9.47
C PRO A 92 9.04 -7.36 -10.73
N ARG A 93 9.57 -8.50 -11.19
CA ARG A 93 9.21 -9.03 -12.50
C ARG A 93 7.73 -9.40 -12.58
N ALA A 94 7.20 -10.02 -11.53
CA ALA A 94 5.81 -10.46 -11.59
C ALA A 94 4.84 -9.29 -11.76
N TYR A 95 5.25 -8.08 -11.38
CA TYR A 95 4.39 -6.91 -11.56
C TYR A 95 4.32 -6.44 -13.01
N HIS A 96 5.29 -6.86 -13.84
CA HIS A 96 5.46 -6.28 -15.17
C HIS A 96 4.16 -6.33 -15.99
N ARG A 97 3.46 -7.47 -15.94
CA ARG A 97 2.30 -7.63 -16.79
C ARG A 97 1.12 -6.78 -16.34
N ARG A 98 1.09 -6.36 -15.08
CA ARG A 98 -0.02 -5.56 -14.57
C ARG A 98 0.25 -4.06 -14.60
N LEU A 99 1.47 -3.64 -14.91
CA LEU A 99 1.78 -2.23 -14.97
C LEU A 99 1.00 -1.57 -16.11
N ARG A 100 0.39 -0.43 -15.81
CA ARG A 100 -0.34 0.36 -16.79
C ARG A 100 0.13 1.81 -16.70
N ASP A 101 0.01 2.53 -17.81
CA ASP A 101 0.33 3.94 -17.79
C ASP A 101 -0.66 4.67 -16.87
N VAL A 102 -0.26 5.86 -16.46
CA VAL A 102 -0.92 6.50 -15.32
C VAL A 102 -1.69 7.73 -15.79
N PRO A 103 -2.94 7.92 -15.34
CA PRO A 103 -3.72 9.08 -15.80
C PRO A 103 -3.19 10.39 -15.24
N GLU A 104 -3.97 11.46 -15.37
CA GLU A 104 -3.66 12.72 -14.73
C GLU A 104 -4.59 12.92 -13.55
N GLY A 105 -4.03 13.39 -12.43
CA GLY A 105 -4.82 13.76 -11.29
C GLY A 105 -4.91 12.68 -10.23
N PRO A 106 -6.05 12.62 -9.53
CA PRO A 106 -6.16 11.75 -8.36
C PRO A 106 -5.94 10.26 -8.63
N LYS A 107 -4.72 9.78 -8.40
CA LYS A 107 -4.42 8.35 -8.40
C LYS A 107 -4.53 7.87 -6.95
N THR A 108 -5.77 7.65 -6.52
CA THR A 108 -6.08 7.45 -5.11
C THR A 108 -5.83 6.01 -4.66
N LEU A 109 -5.48 5.85 -3.39
CA LEU A 109 -5.39 4.52 -2.81
C LEU A 109 -6.76 3.85 -2.82
N GLY A 110 -7.82 4.61 -2.57
CA GLY A 110 -9.16 4.06 -2.57
C GLY A 110 -9.55 3.43 -3.90
N ARG A 111 -9.10 4.01 -5.01
CA ARG A 111 -9.36 3.43 -6.31
C ARG A 111 -8.40 2.27 -6.65
N GLY A 112 -7.65 1.78 -5.67
CA GLY A 112 -6.88 0.56 -5.82
C GLY A 112 -5.42 0.75 -6.20
N TRP A 113 -4.98 1.96 -6.50
CA TRP A 113 -3.57 2.17 -6.80
C TRP A 113 -2.71 1.79 -5.59
N VAL A 114 -1.50 1.35 -5.88
CA VAL A 114 -0.54 1.02 -4.81
C VAL A 114 0.72 1.84 -5.02
N TYR A 115 1.35 1.69 -6.18
CA TYR A 115 2.56 2.44 -6.48
C TYR A 115 2.42 3.14 -7.82
N ILE A 116 2.92 4.37 -7.86
CA ILE A 116 3.23 5.04 -9.11
C ILE A 116 4.75 4.94 -9.25
N TYR A 117 5.22 4.04 -10.13
CA TYR A 117 6.65 3.92 -10.38
C TYR A 117 7.12 5.02 -11.30
N LEU A 118 8.30 5.56 -11.01
CA LEU A 118 8.93 6.61 -11.81
C LEU A 118 10.12 6.01 -12.55
N THR A 119 9.99 5.91 -13.88
CA THR A 119 11.01 5.36 -14.76
C THR A 119 11.46 6.43 -15.73
N PRO A 120 12.71 6.35 -16.21
CA PRO A 120 13.23 7.41 -17.10
C PRO A 120 12.41 7.64 -18.34
N GLU A 121 11.73 6.64 -18.88
CA GLU A 121 10.77 6.84 -19.95
C GLU A 121 9.45 6.21 -19.55
N GLY A 122 8.68 6.94 -18.75
CA GLY A 122 7.34 6.53 -18.39
C GLY A 122 7.09 6.64 -16.90
N SER A 123 5.79 6.69 -16.57
CA SER A 123 5.29 6.71 -15.21
C SER A 123 4.27 5.58 -15.11
N LEU A 124 4.72 4.42 -14.63
CA LEU A 124 3.93 3.20 -14.65
C LEU A 124 3.28 2.97 -13.29
N GLY A 125 1.99 2.65 -13.31
CA GLY A 125 1.22 2.44 -12.09
C GLY A 125 0.98 0.98 -11.82
N LEU A 126 1.01 0.60 -10.55
CA LEU A 126 0.70 -0.75 -10.13
C LEU A 126 -0.51 -0.70 -9.20
N LYS A 127 -1.55 -1.44 -9.55
CA LYS A 127 -2.75 -1.55 -8.74
C LYS A 127 -2.67 -2.78 -7.85
N ILE A 128 -3.61 -2.86 -6.91
CA ILE A 128 -3.61 -3.94 -5.93
C ILE A 128 -4.01 -5.26 -6.58
#